data_1BCB
#
_entry.id   1BCB
#
_cell.length_a   1.000
_cell.length_b   1.000
_cell.length_c   1.000
_cell.angle_alpha   90.00
_cell.angle_beta   90.00
_cell.angle_gamma   90.00
#
_symmetry.space_group_name_H-M   'P 1'
#
loop_
_entity.id
_entity.type
_entity.pdbx_description
1 polymer "DNA (5'-D(*AP*GP*AP*AP*GP*A)-3')"
2 polymer "DNA (5'-D(*TP*CP*TP*TP*CP*T)-3')"
#
loop_
_entity_poly.entity_id
_entity_poly.type
_entity_poly.pdbx_seq_one_letter_code
_entity_poly.pdbx_strand_id
1 'polydeoxyribonucleotide' (DA)(DG)(DA)(DA)(DG)(DA) A
2 'polydeoxyribonucleotide' (DT)(DC)(DT)(DT)(DC)(DT) B,C
#